data_3PB1
#
_entry.id   3PB1
#
_cell.length_a   97.711
_cell.length_b   97.711
_cell.length_c   171.916
_cell.angle_alpha   90.00
_cell.angle_beta   90.00
_cell.angle_gamma   120.00
#
_symmetry.space_group_name_H-M   'P 32 2 1'
#
loop_
_entity.id
_entity.type
_entity.pdbx_description
1 polymer 'Plasminogen activator inhibitor 1'
2 polymer 'Plasminogen activator, urokinase'
3 non-polymer 'SULFATE ION'
4 water water
#
loop_
_entity_poly.entity_id
_entity_poly.type
_entity_poly.pdbx_seq_one_letter_code
_entity_poly.pdbx_strand_id
1 'polypeptide(L)'
;VHHPPSYVAHLASDFGVRVFQQVAQASKDRNVVFSPYGVASVLAMLQLTTGGETQQQIQAAMGFKIDDKGMAPALRHLYK
ELMGPWNKDEISTTDAIFVQRDLKLVQGFMPHFFRLFRSTVKQVDFSEVERARFIINDWVKTHTKGMISHLLGTGAVQQL
TRLVLVNALYFNGQWKTPFPDSSTHRRLFHKSDGSTVSVPMMAQTNKFNYTEFTTPDGHYYDILELPYHGDTLSMFIAAP
YEKEVPLSALTNILSAQLISHWKGNMTRLPRLLVLPKFSLETEVDLRKPLENLGMTDMFRQFQADFTSLSDQEPLHVALA
LQKVKIEVNESGTVASSSTAVIVSARMAPEEIIIDRPFLFVVRHNPTGTVLFMGQVMEP
;
I
2 'polypeptide(L)'
;IIGGEFTTIENQPWFAAIYRRHRGGSVTYVCGGSLISPCWVISATHCFIDYPKKEDYIVYLGRSRLNSNTQGEMKFEVEN
LILHKDYSADTLAHHNDIALLKIRSKEGRCAQPSRTIQTIALPSMYNDPQFGTSCEITGFGKEQSTDYLYPEQLKMTVVK
LISHRECQQPHYYGSEVTTKMLCAADPQWKTDSCQGDAGGPLVCSLQGRMTLTGIVSWGRGCALKDKPGVYTRVSHFLPW
IRSHTKEENGLAL
;
E
#
# COMPACT_ATOMS: atom_id res chain seq x y z
N PRO A 5 -1.14 16.37 -23.80
CA PRO A 5 -0.53 16.48 -22.47
C PRO A 5 -0.74 15.21 -21.65
N SER A 6 -1.94 15.02 -21.11
CA SER A 6 -2.35 13.73 -20.59
C SER A 6 -2.33 12.72 -21.75
N TYR A 7 -2.52 13.23 -22.95
CA TYR A 7 -2.64 12.44 -24.16
C TYR A 7 -1.33 11.72 -24.48
N VAL A 8 -0.26 12.49 -24.66
CA VAL A 8 1.04 11.89 -24.96
C VAL A 8 1.58 11.09 -23.77
N ALA A 9 1.16 11.46 -22.56
CA ALA A 9 1.38 10.62 -21.39
C ALA A 9 0.66 9.26 -21.49
N HIS A 10 -0.58 9.25 -21.99
CA HIS A 10 -1.31 7.98 -22.18
C HIS A 10 -0.55 7.13 -23.21
N LEU A 11 -0.25 7.75 -24.34
CA LEU A 11 0.43 7.06 -25.45
C LEU A 11 1.83 6.53 -25.08
N ALA A 12 2.61 7.35 -24.38
CA ALA A 12 3.93 6.93 -23.90
C ALA A 12 3.79 5.75 -22.92
N SER A 13 2.86 5.87 -21.98
CA SER A 13 2.63 4.83 -20.97
C SER A 13 2.12 3.54 -21.59
N ASP A 14 1.11 3.63 -22.45
CA ASP A 14 0.61 2.48 -23.22
C ASP A 14 1.77 1.77 -23.89
N PHE A 15 2.61 2.52 -24.60
CA PHE A 15 3.71 1.91 -25.33
C PHE A 15 4.69 1.25 -24.39
N GLY A 16 5.08 1.96 -23.35
CA GLY A 16 6.09 1.47 -22.41
C GLY A 16 5.66 0.26 -21.61
N VAL A 17 4.36 0.19 -21.30
CA VAL A 17 3.84 -0.99 -20.62
C VAL A 17 3.90 -2.22 -21.55
N ARG A 18 3.60 -2.01 -22.83
CA ARG A 18 3.71 -3.07 -23.81
C ARG A 18 5.12 -3.64 -23.88
N VAL A 19 6.14 -2.78 -23.75
CA VAL A 19 7.53 -3.23 -23.74
C VAL A 19 7.83 -4.00 -22.46
N PHE A 20 7.39 -3.47 -21.33
CA PHE A 20 7.55 -4.16 -20.06
C PHE A 20 7.05 -5.60 -20.10
N GLN A 21 5.83 -5.84 -20.61
CA GLN A 21 5.36 -7.23 -20.60
C GLN A 21 6.16 -8.14 -21.52
N GLN A 22 6.74 -7.61 -22.59
CA GLN A 22 7.71 -8.38 -23.37
C GLN A 22 8.92 -8.77 -22.52
N VAL A 23 9.43 -7.86 -21.68
CA VAL A 23 10.57 -8.22 -20.83
C VAL A 23 10.15 -9.15 -19.68
N ALA A 24 8.98 -8.89 -19.08
CA ALA A 24 8.44 -9.73 -18.00
C ALA A 24 8.16 -11.16 -18.46
N GLN A 25 7.61 -11.31 -19.66
CA GLN A 25 7.30 -12.62 -20.22
C GLN A 25 8.55 -13.42 -20.57
N ALA A 26 9.62 -12.72 -20.92
CA ALA A 26 10.88 -13.37 -21.24
C ALA A 26 11.75 -13.66 -20.01
N SER A 27 11.27 -13.28 -18.82
CA SER A 27 11.95 -13.67 -17.57
C SER A 27 10.95 -13.99 -16.45
N LYS A 28 10.19 -15.07 -16.67
CA LYS A 28 9.04 -15.44 -15.83
C LYS A 28 9.31 -15.45 -14.32
N ASP A 29 10.45 -15.97 -13.89
CA ASP A 29 10.70 -16.11 -12.45
C ASP A 29 11.83 -15.22 -11.91
N ARG A 30 12.11 -14.13 -12.62
CA ARG A 30 13.16 -13.18 -12.21
C ARG A 30 12.62 -11.82 -11.82
N ASN A 31 13.24 -11.20 -10.82
CA ASN A 31 13.00 -9.80 -10.51
C ASN A 31 13.25 -8.92 -11.73
N VAL A 32 12.39 -7.93 -11.95
CA VAL A 32 12.54 -6.99 -13.05
C VAL A 32 12.05 -5.63 -12.60
N VAL A 33 12.85 -4.58 -12.83
CA VAL A 33 12.36 -3.20 -12.77
C VAL A 33 12.60 -2.62 -14.14
N PHE A 34 11.71 -1.73 -14.55
CA PHE A 34 11.71 -1.18 -15.89
C PHE A 34 11.01 0.17 -15.84
N SER A 35 11.33 1.03 -16.81
CA SER A 35 10.64 2.30 -16.93
C SER A 35 9.91 2.41 -18.27
N PRO A 36 8.57 2.33 -18.23
CA PRO A 36 7.78 2.54 -19.44
C PRO A 36 7.96 3.96 -20.00
N TYR A 37 8.06 4.95 -19.12
CA TYR A 37 8.26 6.32 -19.57
C TYR A 37 9.60 6.51 -20.28
N GLY A 38 10.66 5.98 -19.68
CA GLY A 38 12.01 6.08 -20.20
C GLY A 38 12.13 5.51 -21.59
N VAL A 39 11.63 4.29 -21.79
CA VAL A 39 11.73 3.68 -23.10
C VAL A 39 10.94 4.45 -24.16
N ALA A 40 9.77 4.96 -23.80
CA ALA A 40 9.00 5.80 -24.70
C ALA A 40 9.80 7.07 -25.04
N SER A 41 10.42 7.63 -24.02
CA SER A 41 11.16 8.88 -24.16
C SER A 41 12.34 8.78 -25.14
N VAL A 42 13.21 7.78 -24.96
CA VAL A 42 14.33 7.60 -25.88
C VAL A 42 13.90 7.23 -27.28
N LEU A 43 12.81 6.47 -27.42
CA LEU A 43 12.40 6.05 -28.75
C LEU A 43 11.72 7.17 -29.51
N ALA A 44 11.14 8.12 -28.78
CA ALA A 44 10.59 9.34 -29.38
C ALA A 44 11.71 10.18 -29.99
N MET A 45 12.86 10.24 -29.30
CA MET A 45 14.07 10.93 -29.80
C MET A 45 14.61 10.22 -31.04
N LEU A 46 14.76 8.91 -30.94
CA LEU A 46 15.25 8.09 -32.05
C LEU A 46 14.40 8.24 -33.31
N GLN A 47 13.09 8.40 -33.15
CA GLN A 47 12.20 8.63 -34.29
C GLN A 47 12.77 9.67 -35.27
N LEU A 48 13.34 10.74 -34.73
CA LEU A 48 13.81 11.85 -35.56
C LEU A 48 14.99 11.44 -36.44
N THR A 49 15.71 10.41 -36.04
CA THR A 49 16.89 9.93 -36.75
C THR A 49 16.57 8.93 -37.85
N THR A 50 15.31 8.48 -37.92
CA THR A 50 14.95 7.35 -38.78
C THR A 50 14.23 7.78 -40.07
N GLY A 51 14.17 6.88 -41.04
CA GLY A 51 13.41 7.09 -42.28
C GLY A 51 12.76 5.80 -42.76
N GLY A 52 11.95 5.91 -43.81
CA GLY A 52 11.29 4.78 -44.46
C GLY A 52 10.65 3.76 -43.52
N GLU A 53 10.94 2.48 -43.75
CA GLU A 53 10.29 1.39 -43.05
C GLU A 53 10.68 1.32 -41.57
N THR A 54 11.90 1.77 -41.27
CA THR A 54 12.41 1.82 -39.91
C THR A 54 11.60 2.80 -39.06
N GLN A 55 11.43 4.01 -39.58
CA GLN A 55 10.59 5.04 -38.97
C GLN A 55 9.13 4.57 -38.86
N GLN A 56 8.61 3.99 -39.94
CA GLN A 56 7.24 3.48 -39.98
C GLN A 56 6.98 2.52 -38.81
N GLN A 57 7.84 1.52 -38.64
CA GLN A 57 7.69 0.51 -37.59
C GLN A 57 7.67 1.10 -36.17
N ILE A 58 8.57 2.06 -35.93
CA ILE A 58 8.65 2.74 -34.62
C ILE A 58 7.37 3.53 -34.37
N GLN A 59 6.97 4.34 -35.36
CA GLN A 59 5.72 5.13 -35.26
C GLN A 59 4.47 4.27 -35.04
N ALA A 60 4.33 3.21 -35.83
CA ALA A 60 3.21 2.28 -35.71
C ALA A 60 3.13 1.67 -34.32
N ALA A 61 4.28 1.18 -33.83
CA ALA A 61 4.35 0.55 -32.52
C ALA A 61 4.13 1.53 -31.36
N MET A 62 4.65 2.75 -31.48
CA MET A 62 4.56 3.75 -30.41
C MET A 62 3.19 4.44 -30.35
N GLY A 63 2.56 4.56 -31.50
CA GLY A 63 1.21 5.11 -31.60
C GLY A 63 1.19 6.60 -31.87
N PHE A 64 2.37 7.20 -32.01
CA PHE A 64 2.44 8.61 -32.35
C PHE A 64 3.70 8.96 -33.13
N LYS A 65 3.65 10.10 -33.79
CA LYS A 65 4.77 10.60 -34.59
C LYS A 65 5.29 11.90 -33.97
N ILE A 66 6.58 11.90 -33.64
CA ILE A 66 7.23 13.04 -32.99
C ILE A 66 7.13 14.37 -33.76
N ASP A 67 7.05 14.28 -35.09
CA ASP A 67 6.89 15.47 -35.94
C ASP A 67 5.44 15.96 -36.02
N ASP A 68 4.47 15.15 -35.56
CA ASP A 68 3.06 15.59 -35.57
C ASP A 68 2.87 16.83 -34.71
N LYS A 69 1.95 17.69 -35.12
CA LYS A 69 1.82 19.00 -34.48
C LYS A 69 1.39 18.86 -33.02
N GLY A 70 2.11 19.54 -32.14
CA GLY A 70 1.84 19.51 -30.71
C GLY A 70 2.52 18.39 -29.96
N MET A 71 3.13 17.43 -30.67
CA MET A 71 3.68 16.23 -30.00
C MET A 71 4.99 16.50 -29.23
N ALA A 72 5.99 17.03 -29.92
CA ALA A 72 7.25 17.38 -29.25
C ALA A 72 7.08 18.43 -28.13
N PRO A 73 6.28 19.49 -28.38
CA PRO A 73 6.00 20.39 -27.25
C PRO A 73 5.32 19.68 -26.06
N ALA A 74 4.36 18.82 -26.35
CA ALA A 74 3.65 18.07 -25.31
C ALA A 74 4.58 17.20 -24.47
N LEU A 75 5.51 16.50 -25.14
CA LEU A 75 6.52 15.69 -24.47
C LEU A 75 7.49 16.56 -23.65
N ARG A 76 7.75 17.77 -24.13
CA ARG A 76 8.58 18.73 -23.40
C ARG A 76 7.84 19.13 -22.12
N HIS A 77 6.57 19.52 -22.24
CA HIS A 77 5.75 19.87 -21.07
C HIS A 77 5.69 18.71 -20.06
N LEU A 78 5.46 17.50 -20.56
CA LEU A 78 5.47 16.29 -19.73
C LEU A 78 6.76 16.18 -18.91
N TYR A 79 7.90 16.36 -19.57
CA TYR A 79 9.19 16.25 -18.90
C TYR A 79 9.35 17.23 -17.74
N LYS A 80 9.02 18.51 -17.96
CA LYS A 80 9.13 19.55 -16.92
C LYS A 80 8.23 19.25 -15.73
N GLU A 81 7.05 18.71 -16.00
CA GLU A 81 6.13 18.35 -14.93
C GLU A 81 6.68 17.18 -14.11
N LEU A 82 7.32 16.22 -14.77
CA LEU A 82 7.82 15.03 -14.08
C LEU A 82 9.08 15.32 -13.24
N MET A 83 9.94 16.18 -13.77
CA MET A 83 11.18 16.52 -13.10
C MET A 83 11.04 17.83 -12.32
N GLY A 84 9.82 18.13 -11.91
CA GLY A 84 9.53 19.36 -11.18
C GLY A 84 10.05 19.40 -9.75
N PRO A 85 9.80 20.52 -9.05
CA PRO A 85 10.32 20.74 -7.69
C PRO A 85 9.79 19.78 -6.60
N TRP A 86 8.73 19.03 -6.89
CA TRP A 86 8.21 18.00 -5.96
C TRP A 86 9.29 16.95 -5.61
N ASN A 87 10.28 16.85 -6.47
CA ASN A 87 11.31 15.82 -6.43
C ASN A 87 12.39 16.12 -5.40
N LYS A 88 12.36 15.43 -4.26
CA LYS A 88 13.33 15.68 -3.19
C LYS A 88 14.48 14.69 -3.33
N ASP A 89 15.23 14.83 -4.43
CA ASP A 89 16.30 13.89 -4.77
C ASP A 89 15.79 12.45 -4.79
N GLU A 90 14.57 12.27 -5.29
CA GLU A 90 13.91 10.98 -5.33
C GLU A 90 14.09 10.30 -6.69
N ILE A 91 14.09 11.09 -7.76
CA ILE A 91 14.14 10.54 -9.11
C ILE A 91 15.22 11.18 -9.99
N SER A 92 15.86 10.35 -10.81
CA SER A 92 16.76 10.80 -11.87
C SER A 92 16.46 9.99 -13.13
N THR A 93 16.47 10.66 -14.27
CA THR A 93 16.27 10.04 -15.57
C THR A 93 17.26 10.63 -16.57
N THR A 94 17.72 9.80 -17.49
CA THR A 94 18.56 10.28 -18.57
C THR A 94 18.33 9.46 -19.83
N ASP A 95 18.30 10.18 -20.96
CA ASP A 95 18.22 9.63 -22.32
C ASP A 95 19.48 10.04 -23.05
N ALA A 96 19.98 9.17 -23.94
CA ALA A 96 21.15 9.51 -24.74
C ALA A 96 21.30 8.62 -25.96
N ILE A 97 21.60 9.27 -27.08
CA ILE A 97 21.88 8.63 -28.34
C ILE A 97 23.30 8.99 -28.74
N PHE A 98 24.13 7.96 -28.92
CA PHE A 98 25.54 8.11 -29.27
C PHE A 98 25.78 7.67 -30.71
N VAL A 99 26.37 8.57 -31.50
CA VAL A 99 26.66 8.35 -32.92
C VAL A 99 28.16 8.56 -33.20
N GLN A 100 28.69 7.76 -34.13
CA GLN A 100 30.10 7.86 -34.52
C GLN A 100 30.43 9.31 -34.90
N ARG A 101 31.45 9.87 -34.24
CA ARG A 101 31.88 11.28 -34.43
C ARG A 101 32.22 11.58 -35.90
N ASP A 102 32.63 10.53 -36.60
CA ASP A 102 33.13 10.56 -37.98
C ASP A 102 32.06 10.82 -39.03
N LEU A 103 30.84 10.35 -38.75
CA LEU A 103 29.74 10.37 -39.71
C LEU A 103 29.29 11.77 -40.09
N LYS A 104 29.09 11.99 -41.40
CA LYS A 104 28.60 13.26 -41.90
C LYS A 104 27.09 13.32 -41.69
N LEU A 105 26.64 14.27 -40.88
CA LEU A 105 25.23 14.38 -40.53
C LEU A 105 24.46 15.20 -41.55
N VAL A 106 23.22 14.79 -41.82
CA VAL A 106 22.31 15.54 -42.67
C VAL A 106 22.23 17.00 -42.22
N GLN A 107 22.25 17.93 -43.18
CA GLN A 107 22.18 19.36 -42.87
C GLN A 107 20.89 19.69 -42.11
N GLY A 108 21.05 20.42 -41.01
CA GLY A 108 19.90 20.82 -40.22
C GLY A 108 19.35 19.80 -39.24
N PHE A 109 19.93 18.59 -39.20
CA PHE A 109 19.48 17.58 -38.23
C PHE A 109 19.67 18.04 -36.77
N MET A 110 20.92 18.36 -36.41
CA MET A 110 21.28 18.71 -35.03
C MET A 110 20.49 19.91 -34.49
N PRO A 111 20.33 20.98 -35.30
CA PRO A 111 19.46 22.10 -34.86
C PRO A 111 18.00 21.70 -34.67
N HIS A 112 17.49 20.84 -35.55
CA HIS A 112 16.12 20.36 -35.45
C HIS A 112 15.95 19.51 -34.19
N PHE A 113 16.92 18.61 -33.97
CA PHE A 113 16.93 17.76 -32.78
C PHE A 113 16.95 18.62 -31.52
N PHE A 114 17.87 19.59 -31.47
CA PHE A 114 17.96 20.53 -30.36
C PHE A 114 16.66 21.33 -30.13
N ARG A 115 16.04 21.80 -31.21
CA ARG A 115 14.75 22.50 -31.09
C ARG A 115 13.68 21.63 -30.43
N LEU A 116 13.50 20.40 -30.92
CA LEU A 116 12.42 19.55 -30.43
C LEU A 116 12.67 18.98 -29.04
N PHE A 117 13.93 18.74 -28.70
CA PHE A 117 14.25 18.00 -27.47
C PHE A 117 15.11 18.74 -26.45
N ARG A 118 15.70 19.86 -26.86
CA ARG A 118 16.55 20.67 -25.98
C ARG A 118 17.76 19.90 -25.45
N SER A 119 18.22 18.93 -26.23
CA SER A 119 19.49 18.27 -25.98
C SER A 119 20.10 17.85 -27.31
N THR A 120 21.31 17.31 -27.26
CA THR A 120 22.04 16.95 -28.46
C THR A 120 22.27 15.45 -28.53
N VAL A 121 22.39 14.94 -29.75
CA VAL A 121 22.93 13.62 -29.98
C VAL A 121 24.42 13.73 -29.69
N LYS A 122 24.97 12.73 -29.02
CA LYS A 122 26.38 12.77 -28.61
C LYS A 122 27.24 12.13 -29.68
N GLN A 123 28.32 12.79 -30.03
CA GLN A 123 29.24 12.28 -31.04
C GLN A 123 30.46 11.71 -30.35
N VAL A 124 30.72 10.44 -30.59
CA VAL A 124 31.82 9.75 -29.92
C VAL A 124 32.59 8.93 -30.93
N ASP A 125 33.89 8.78 -30.71
CA ASP A 125 34.72 7.97 -31.58
C ASP A 125 34.72 6.53 -31.08
N PHE A 126 34.02 5.65 -31.80
CA PHE A 126 33.93 4.24 -31.40
C PHE A 126 35.21 3.42 -31.69
N SER A 127 36.09 3.93 -32.54
CA SER A 127 37.35 3.23 -32.82
C SER A 127 38.33 3.27 -31.64
N GLU A 128 38.07 4.17 -30.70
CA GLU A 128 38.71 4.15 -29.39
C GLU A 128 37.72 3.48 -28.44
N VAL A 129 37.66 2.16 -28.54
CA VAL A 129 36.66 1.33 -27.87
C VAL A 129 36.58 1.55 -26.35
N GLU A 130 37.72 1.43 -25.67
CA GLU A 130 37.81 1.67 -24.23
C GLU A 130 37.30 3.06 -23.83
N ARG A 131 37.66 4.07 -24.62
CA ARG A 131 37.23 5.45 -24.35
C ARG A 131 35.72 5.64 -24.58
N ALA A 132 35.20 5.04 -25.65
CA ALA A 132 33.77 5.04 -25.91
C ALA A 132 32.97 4.47 -24.73
N ARG A 133 33.41 3.34 -24.17
CA ARG A 133 32.74 2.75 -23.00
C ARG A 133 32.77 3.68 -21.81
N PHE A 134 33.93 4.28 -21.57
CA PHE A 134 34.10 5.26 -20.51
C PHE A 134 33.13 6.43 -20.66
N ILE A 135 33.13 7.05 -21.84
CA ILE A 135 32.23 8.17 -22.15
C ILE A 135 30.75 7.85 -21.92
N ILE A 136 30.29 6.73 -22.49
CA ILE A 136 28.88 6.33 -22.38
C ILE A 136 28.49 6.10 -20.93
N ASN A 137 29.32 5.35 -20.20
CA ASN A 137 29.06 5.07 -18.79
C ASN A 137 29.19 6.31 -17.89
N ASP A 138 30.09 7.22 -18.25
CA ASP A 138 30.26 8.48 -17.51
C ASP A 138 29.00 9.33 -17.65
N TRP A 139 28.42 9.35 -18.85
CA TRP A 139 27.13 10.03 -19.06
C TRP A 139 26.05 9.48 -18.11
N VAL A 140 25.91 8.17 -18.08
CA VAL A 140 24.98 7.50 -17.17
C VAL A 140 25.22 7.84 -15.70
N LYS A 141 26.49 7.79 -15.27
CA LYS A 141 26.88 8.14 -13.90
C LYS A 141 26.52 9.57 -13.45
N THR A 142 26.87 10.56 -14.24
CA THR A 142 26.64 11.94 -13.78
C THR A 142 25.16 12.28 -13.82
N HIS A 143 24.48 11.88 -14.88
CA HIS A 143 23.05 12.17 -15.00
C HIS A 143 22.13 11.31 -14.14
N THR A 144 22.65 10.31 -13.44
CA THR A 144 21.90 9.64 -12.35
C THR A 144 22.48 10.00 -10.98
N LYS A 145 23.26 11.08 -10.95
CA LYS A 145 23.94 11.56 -9.76
C LYS A 145 24.65 10.45 -8.99
N GLY A 146 25.35 9.57 -9.70
CA GLY A 146 26.11 8.48 -9.09
C GLY A 146 25.36 7.22 -8.71
N MET A 147 24.03 7.26 -8.78
CA MET A 147 23.21 6.11 -8.36
C MET A 147 23.33 4.95 -9.32
N ILE A 148 23.59 5.25 -10.59
CA ILE A 148 23.92 4.22 -11.56
C ILE A 148 25.27 4.53 -12.19
N SER A 149 26.28 3.76 -11.79
CA SER A 149 27.65 4.05 -12.22
C SER A 149 28.01 3.45 -13.59
N HIS A 150 27.46 2.28 -13.91
CA HIS A 150 27.91 1.51 -15.08
C HIS A 150 26.85 0.59 -15.65
N LEU A 151 26.97 0.32 -16.95
CA LEU A 151 26.23 -0.70 -17.65
C LEU A 151 27.17 -1.88 -17.93
N LEU A 152 26.62 -3.09 -17.93
CA LEU A 152 27.38 -4.27 -18.37
C LEU A 152 27.45 -4.34 -19.88
N GLY A 153 26.31 -4.06 -20.52
CA GLY A 153 26.12 -4.29 -21.95
C GLY A 153 26.97 -3.46 -22.88
N THR A 154 27.63 -2.42 -22.34
CA THR A 154 28.57 -1.64 -23.14
C THR A 154 29.78 -2.45 -23.58
N GLY A 155 29.91 -3.67 -23.03
CA GLY A 155 30.93 -4.62 -23.50
C GLY A 155 30.79 -5.01 -24.97
N ALA A 156 29.58 -4.84 -25.50
CA ALA A 156 29.30 -5.11 -26.91
C ALA A 156 29.78 -3.99 -27.83
N VAL A 157 30.20 -2.86 -27.27
CA VAL A 157 30.68 -1.73 -28.05
C VAL A 157 31.93 -2.09 -28.82
N GLN A 158 32.03 -1.57 -30.02
CA GLN A 158 32.90 -2.09 -31.03
C GLN A 158 33.49 -0.96 -31.88
N GLN A 159 34.70 -1.14 -32.41
CA GLN A 159 35.34 -0.16 -33.31
C GLN A 159 34.45 0.20 -34.50
N LEU A 160 33.61 -0.74 -34.91
CA LEU A 160 32.71 -0.57 -36.06
C LEU A 160 31.29 -0.14 -35.66
N THR A 161 31.04 0.00 -34.35
CA THR A 161 29.77 0.52 -33.84
C THR A 161 29.54 1.92 -34.39
N ARG A 162 28.32 2.23 -34.79
CA ARG A 162 28.02 3.57 -35.30
C ARG A 162 26.91 4.28 -34.54
N LEU A 163 26.07 3.52 -33.84
CA LEU A 163 24.89 4.07 -33.19
C LEU A 163 24.48 3.27 -31.94
N VAL A 164 24.34 3.98 -30.82
CA VAL A 164 23.98 3.37 -29.53
C VAL A 164 22.95 4.23 -28.84
N LEU A 165 22.01 3.60 -28.14
CA LEU A 165 21.13 4.37 -27.28
C LEU A 165 21.06 3.80 -25.88
N VAL A 166 20.91 4.71 -24.91
CA VAL A 166 20.93 4.34 -23.52
C VAL A 166 19.82 5.10 -22.78
N ASN A 167 19.28 4.48 -21.75
CA ASN A 167 18.29 5.12 -20.88
C ASN A 167 18.51 4.60 -19.49
N ALA A 168 18.67 5.49 -18.52
CA ALA A 168 18.88 5.07 -17.14
C ALA A 168 18.06 5.88 -16.15
N LEU A 169 17.52 5.20 -15.13
CA LEU A 169 16.64 5.83 -14.17
C LEU A 169 16.94 5.30 -12.77
N TYR A 170 16.85 6.20 -11.79
CA TYR A 170 16.92 5.83 -10.39
C TYR A 170 15.71 6.38 -9.66
N PHE A 171 15.16 5.60 -8.74
CA PHE A 171 14.02 6.04 -7.92
C PHE A 171 14.10 5.54 -6.49
N ASN A 172 14.03 6.48 -5.55
CA ASN A 172 13.84 6.15 -4.14
C ASN A 172 12.92 7.21 -3.58
N GLY A 173 11.65 6.84 -3.40
CA GLY A 173 10.62 7.81 -3.03
C GLY A 173 10.39 7.95 -1.54
N GLN A 174 9.91 9.11 -1.13
CA GLN A 174 9.55 9.37 0.26
C GLN A 174 8.05 9.21 0.48
N TRP A 175 7.65 8.29 1.36
CA TRP A 175 6.22 7.98 1.53
C TRP A 175 5.48 9.15 2.14
N LYS A 176 4.23 9.34 1.76
CA LYS A 176 3.38 10.29 2.47
C LYS A 176 3.28 9.88 3.95
N THR A 177 3.08 8.58 4.19
CA THR A 177 3.06 8.04 5.54
C THR A 177 4.13 6.96 5.67
N PRO A 178 5.19 7.23 6.47
CA PRO A 178 6.27 6.27 6.59
C PRO A 178 5.83 4.97 7.28
N PHE A 179 6.50 3.88 6.98
CA PHE A 179 6.36 2.66 7.75
C PHE A 179 7.20 2.82 9.03
N PRO A 180 6.60 2.57 10.21
CA PRO A 180 7.40 2.69 11.43
C PRO A 180 8.47 1.61 11.48
N ASP A 181 9.68 2.00 11.87
CA ASP A 181 10.83 1.09 11.92
C ASP A 181 10.64 -0.11 12.84
N SER A 182 9.93 0.10 13.95
CA SER A 182 9.65 -0.97 14.93
C SER A 182 8.83 -2.11 14.35
N SER A 183 8.04 -1.80 13.32
CA SER A 183 7.13 -2.79 12.72
C SER A 183 7.82 -3.71 11.73
N THR A 184 9.07 -3.40 11.39
CA THR A 184 9.81 -4.19 10.41
C THR A 184 10.33 -5.47 11.04
N HIS A 185 9.83 -6.59 10.55
CA HIS A 185 10.10 -7.91 11.11
C HIS A 185 10.44 -8.88 10.00
N ARG A 186 11.14 -9.96 10.34
CA ARG A 186 11.41 -11.04 9.39
C ARG A 186 10.16 -11.89 9.24
N ARG A 187 9.86 -12.26 8.00
CA ARG A 187 8.65 -13.02 7.70
C ARG A 187 8.88 -13.90 6.49
N LEU A 188 8.09 -14.97 6.38
CA LEU A 188 8.18 -15.91 5.27
C LEU A 188 7.61 -15.34 3.97
N PHE A 189 8.41 -15.44 2.91
CA PHE A 189 7.97 -15.08 1.57
C PHE A 189 7.89 -16.35 0.73
N HIS A 190 6.73 -16.57 0.09
CA HIS A 190 6.53 -17.75 -0.72
C HIS A 190 6.89 -17.52 -2.18
N LYS A 191 8.02 -18.09 -2.60
CA LYS A 191 8.48 -18.02 -3.99
C LYS A 191 7.60 -18.85 -4.91
N SER A 192 7.68 -18.59 -6.21
CA SER A 192 6.80 -19.23 -7.20
C SER A 192 7.03 -20.74 -7.37
N ASP A 193 8.21 -21.23 -6.98
CA ASP A 193 8.54 -22.67 -7.07
C ASP A 193 8.11 -23.47 -5.85
N GLY A 194 7.58 -22.79 -4.83
CA GLY A 194 7.12 -23.47 -3.63
C GLY A 194 8.05 -23.39 -2.43
N SER A 195 9.26 -22.89 -2.65
CA SER A 195 10.21 -22.66 -1.55
C SER A 195 9.92 -21.35 -0.82
N THR A 196 10.43 -21.23 0.40
CA THR A 196 10.27 -20.00 1.19
C THR A 196 11.63 -19.42 1.57
N VAL A 197 11.63 -18.14 1.95
CA VAL A 197 12.84 -17.43 2.34
C VAL A 197 12.46 -16.37 3.38
N SER A 198 13.32 -16.19 4.40
CA SER A 198 13.10 -15.22 5.46
C SER A 198 13.53 -13.84 4.99
N VAL A 199 12.62 -12.88 5.13
CA VAL A 199 12.78 -11.59 4.48
C VAL A 199 12.14 -10.47 5.30
N PRO A 200 12.84 -9.33 5.41
CA PRO A 200 12.35 -8.15 6.14
C PRO A 200 11.11 -7.56 5.47
N MET A 201 10.03 -7.46 6.23
CA MET A 201 8.79 -6.91 5.72
C MET A 201 8.37 -5.74 6.60
N MET A 202 8.02 -4.65 5.94
CA MET A 202 7.50 -3.49 6.61
C MET A 202 6.02 -3.68 6.90
N ALA A 203 5.52 -2.97 7.91
CA ALA A 203 4.11 -3.03 8.28
C ALA A 203 3.63 -1.65 8.68
N GLN A 204 2.35 -1.39 8.41
CA GLN A 204 1.73 -0.12 8.75
C GLN A 204 0.23 -0.29 8.70
N THR A 205 -0.45 0.35 9.63
CA THR A 205 -1.89 0.33 9.64
C THR A 205 -2.34 1.74 9.32
N ASN A 206 -3.01 1.88 8.18
CA ASN A 206 -3.77 3.10 7.90
C ASN A 206 -4.79 2.94 6.78
N LYS A 207 -5.24 4.07 6.24
CA LYS A 207 -6.28 4.07 5.23
C LYS A 207 -5.65 4.08 3.84
N PHE A 208 -5.78 2.95 3.14
CA PHE A 208 -5.20 2.81 1.81
C PHE A 208 -6.28 2.74 0.76
N ASN A 209 -6.07 3.45 -0.35
CA ASN A 209 -6.83 3.19 -1.56
C ASN A 209 -6.63 1.73 -1.96
N TYR A 210 -7.75 1.03 -2.12
CA TYR A 210 -7.74 -0.41 -2.39
C TYR A 210 -8.85 -0.79 -3.35
N THR A 211 -8.59 -1.79 -4.17
CA THR A 211 -9.64 -2.39 -4.99
C THR A 211 -9.31 -3.84 -5.31
N GLU A 212 -10.33 -4.63 -5.64
CA GLU A 212 -10.17 -6.01 -6.06
C GLU A 212 -10.71 -6.19 -7.48
N PHE A 213 -9.88 -6.71 -8.38
CA PHE A 213 -10.29 -6.97 -9.76
C PHE A 213 -10.32 -8.49 -10.05
N THR A 214 -10.76 -8.83 -11.26
CA THR A 214 -10.82 -10.21 -11.71
C THR A 214 -10.09 -10.38 -13.04
N THR A 215 -9.31 -11.46 -13.18
CA THR A 215 -8.69 -11.82 -14.47
C THR A 215 -9.78 -12.30 -15.44
N PRO A 216 -9.47 -12.37 -16.76
CA PRO A 216 -10.43 -12.97 -17.71
C PRO A 216 -10.81 -14.41 -17.37
N ASP A 217 -9.88 -15.13 -16.72
CA ASP A 217 -10.07 -16.54 -16.36
C ASP A 217 -10.75 -16.72 -14.99
N GLY A 218 -11.23 -15.62 -14.40
CA GLY A 218 -12.02 -15.69 -13.16
C GLY A 218 -11.30 -15.50 -11.84
N HIS A 219 -10.00 -15.23 -11.87
CA HIS A 219 -9.19 -15.17 -10.65
C HIS A 219 -9.13 -13.77 -10.00
N TYR A 220 -9.28 -13.73 -8.67
CA TYR A 220 -9.24 -12.49 -7.89
C TYR A 220 -7.81 -11.99 -7.63
N TYR A 221 -7.66 -10.67 -7.60
CA TYR A 221 -6.37 -10.05 -7.25
C TYR A 221 -6.52 -8.68 -6.61
N ASP A 222 -5.69 -8.43 -5.59
CA ASP A 222 -5.65 -7.16 -4.87
C ASP A 222 -4.86 -6.07 -5.59
N ILE A 223 -5.29 -4.81 -5.45
CA ILE A 223 -4.47 -3.67 -5.85
C ILE A 223 -4.53 -2.61 -4.78
N LEU A 224 -3.37 -2.23 -4.26
CA LEU A 224 -3.27 -1.22 -3.23
C LEU A 224 -2.44 -0.03 -3.73
N GLU A 225 -2.76 1.17 -3.23
CA GLU A 225 -2.03 2.37 -3.57
C GLU A 225 -1.34 2.94 -2.33
N LEU A 226 -0.03 3.11 -2.45
CA LEU A 226 0.79 3.73 -1.44
C LEU A 226 1.25 5.07 -1.99
N PRO A 227 0.68 6.17 -1.48
CA PRO A 227 1.07 7.45 -2.03
C PRO A 227 2.38 7.96 -1.44
N TYR A 228 3.21 8.56 -2.30
CA TYR A 228 4.39 9.29 -1.87
C TYR A 228 3.99 10.68 -1.41
N HIS A 229 4.93 11.41 -0.83
CA HIS A 229 4.66 12.71 -0.18
C HIS A 229 3.96 13.69 -1.12
N GLY A 230 2.93 14.36 -0.62
CA GLY A 230 2.16 15.31 -1.40
C GLY A 230 1.28 14.71 -2.49
N ASP A 231 1.27 13.38 -2.60
CA ASP A 231 0.40 12.67 -3.53
C ASP A 231 0.76 12.85 -5.03
N THR A 232 1.94 13.41 -5.30
CA THR A 232 2.40 13.59 -6.69
C THR A 232 2.67 12.23 -7.37
N LEU A 233 3.32 11.34 -6.66
CA LEU A 233 3.50 9.98 -7.12
C LEU A 233 2.79 8.99 -6.21
N SER A 234 2.52 7.82 -6.77
CA SER A 234 2.03 6.68 -6.00
C SER A 234 2.72 5.41 -6.45
N MET A 235 2.83 4.46 -5.52
CA MET A 235 3.13 3.09 -5.89
C MET A 235 1.88 2.22 -5.76
N PHE A 236 1.66 1.40 -6.77
CA PHE A 236 0.59 0.40 -6.78
C PHE A 236 1.22 -0.99 -6.61
N ILE A 237 0.66 -1.77 -5.68
CA ILE A 237 1.00 -3.18 -5.51
C ILE A 237 -0.18 -4.04 -5.95
N ALA A 238 0.09 -5.01 -6.83
CA ALA A 238 -0.92 -5.95 -7.30
C ALA A 238 -0.43 -7.39 -7.22
N ALA A 239 -1.31 -8.27 -6.75
CA ALA A 239 -0.99 -9.68 -6.54
C ALA A 239 -2.27 -10.52 -6.47
N PRO A 240 -2.25 -11.74 -7.03
CA PRO A 240 -3.43 -12.61 -6.90
C PRO A 240 -3.73 -12.93 -5.44
N TYR A 241 -5.01 -13.07 -5.12
CA TYR A 241 -5.44 -13.44 -3.76
C TYR A 241 -4.91 -14.81 -3.37
N GLU A 242 -5.11 -15.80 -4.23
CA GLU A 242 -4.70 -17.17 -3.93
C GLU A 242 -3.26 -17.51 -4.37
N LYS A 243 -2.52 -18.09 -3.44
CA LYS A 243 -1.10 -18.46 -3.61
C LYS A 243 -0.80 -19.30 -4.86
N GLU A 244 -1.76 -20.15 -5.25
CA GLU A 244 -1.57 -21.06 -6.38
C GLU A 244 -1.59 -20.40 -7.75
N VAL A 245 -2.19 -19.21 -7.85
CA VAL A 245 -2.26 -18.48 -9.11
C VAL A 245 -0.95 -17.72 -9.33
N PRO A 246 -0.27 -17.97 -10.46
CA PRO A 246 1.02 -17.31 -10.69
C PRO A 246 0.84 -15.83 -11.03
N LEU A 247 1.89 -15.03 -10.77
CA LEU A 247 1.86 -13.60 -11.07
C LEU A 247 1.65 -13.33 -12.56
N SER A 248 2.09 -14.28 -13.39
CA SER A 248 1.94 -14.21 -14.83
C SER A 248 0.48 -14.02 -15.27
N ALA A 249 -0.46 -14.45 -14.42
CA ALA A 249 -1.89 -14.24 -14.71
C ALA A 249 -2.19 -12.75 -14.78
N LEU A 250 -1.48 -11.96 -13.98
CA LEU A 250 -1.63 -10.52 -13.97
C LEU A 250 -0.85 -9.87 -15.11
N THR A 251 0.41 -10.24 -15.24
CA THR A 251 1.27 -9.59 -16.23
C THR A 251 0.84 -9.86 -17.68
N ASN A 252 0.19 -11.00 -17.90
CA ASN A 252 -0.38 -11.33 -19.21
C ASN A 252 -1.54 -10.43 -19.66
N ILE A 253 -2.14 -9.68 -18.73
CA ILE A 253 -3.30 -8.82 -19.07
C ILE A 253 -3.02 -7.33 -18.82
N LEU A 254 -1.77 -7.03 -18.50
CA LEU A 254 -1.32 -5.67 -18.19
C LEU A 254 -1.41 -4.73 -19.39
N SER A 255 -1.91 -3.53 -19.13
CA SER A 255 -1.89 -2.43 -20.08
C SER A 255 -1.95 -1.14 -19.26
N ALA A 256 -1.58 -0.02 -19.87
CA ALA A 256 -1.70 1.27 -19.21
C ALA A 256 -3.13 1.58 -18.77
N GLN A 257 -4.10 1.25 -19.62
CA GLN A 257 -5.50 1.54 -19.33
C GLN A 257 -6.04 0.71 -18.17
N LEU A 258 -5.52 -0.51 -18.00
CA LEU A 258 -5.87 -1.33 -16.85
C LEU A 258 -5.38 -0.71 -15.55
N ILE A 259 -4.18 -0.15 -15.57
CA ILE A 259 -3.63 0.51 -14.38
C ILE A 259 -4.55 1.65 -13.92
N SER A 260 -5.00 2.48 -14.87
CA SER A 260 -5.85 3.60 -14.48
C SER A 260 -7.28 3.18 -14.16
N HIS A 261 -7.72 2.06 -14.73
CA HIS A 261 -8.99 1.47 -14.32
C HIS A 261 -8.90 1.05 -12.84
N TRP A 262 -7.77 0.44 -12.42
CA TRP A 262 -7.53 0.10 -11.00
C TRP A 262 -7.66 1.33 -10.10
N LYS A 263 -6.94 2.39 -10.48
CA LYS A 263 -6.93 3.63 -9.71
C LYS A 263 -8.31 4.28 -9.62
N GLY A 264 -9.00 4.39 -10.76
CA GLY A 264 -10.34 4.96 -10.79
C GLY A 264 -11.35 4.19 -9.95
N ASN A 265 -11.08 2.90 -9.71
CA ASN A 265 -11.98 2.05 -8.93
C ASN A 265 -11.67 1.99 -7.44
N MET A 266 -10.61 2.65 -7.02
CA MET A 266 -10.15 2.55 -5.65
C MET A 266 -11.01 3.29 -4.63
N THR A 267 -11.10 2.70 -3.44
CA THR A 267 -11.77 3.30 -2.29
C THR A 267 -10.80 3.20 -1.10
N ARG A 268 -10.76 4.25 -0.29
CA ARG A 268 -9.87 4.32 0.86
C ARG A 268 -10.42 3.50 2.02
N LEU A 269 -9.65 2.52 2.46
CA LEU A 269 -10.12 1.57 3.46
C LEU A 269 -9.07 1.36 4.54
N PRO A 270 -9.51 1.18 5.79
CA PRO A 270 -8.52 0.96 6.86
C PRO A 270 -7.99 -0.45 6.76
N ARG A 271 -6.66 -0.58 6.73
CA ARG A 271 -6.02 -1.88 6.55
C ARG A 271 -4.67 -1.89 7.24
N LEU A 272 -4.24 -3.09 7.62
CA LEU A 272 -2.87 -3.31 8.02
C LEU A 272 -2.16 -3.98 6.86
N LEU A 273 -1.17 -3.29 6.31
CA LEU A 273 -0.39 -3.82 5.20
C LEU A 273 1.00 -4.30 5.62
N VAL A 274 1.33 -5.53 5.23
CA VAL A 274 2.64 -6.10 5.41
C VAL A 274 3.30 -6.21 4.03
N LEU A 275 4.38 -5.46 3.82
CA LEU A 275 5.05 -5.39 2.52
C LEU A 275 6.57 -5.51 2.65
N PRO A 276 7.18 -6.45 1.89
CA PRO A 276 8.63 -6.58 1.88
C PRO A 276 9.35 -5.32 1.43
N LYS A 277 10.44 -4.96 2.12
CA LYS A 277 11.39 -4.00 1.58
C LYS A 277 12.00 -4.63 0.35
N PHE A 278 12.40 -3.82 -0.62
CA PHE A 278 13.15 -4.33 -1.76
C PHE A 278 14.00 -3.27 -2.46
N SER A 279 15.09 -3.74 -3.06
CA SER A 279 15.96 -2.92 -3.89
C SER A 279 16.23 -3.74 -5.14
N LEU A 280 15.64 -3.33 -6.26
CA LEU A 280 15.89 -4.01 -7.52
C LEU A 280 16.72 -3.14 -8.45
N GLU A 281 17.52 -3.81 -9.26
CA GLU A 281 18.29 -3.16 -10.29
C GLU A 281 18.34 -4.09 -11.49
N THR A 282 17.86 -3.62 -12.64
CA THR A 282 17.81 -4.43 -13.86
C THR A 282 18.37 -3.66 -15.05
N GLU A 283 19.21 -4.34 -15.82
CA GLU A 283 19.67 -3.85 -17.10
C GLU A 283 18.99 -4.67 -18.18
N VAL A 284 18.28 -3.99 -19.07
CA VAL A 284 17.48 -4.66 -20.06
C VAL A 284 18.04 -4.34 -21.42
N ASP A 285 18.35 -5.40 -22.17
CA ASP A 285 18.69 -5.30 -23.56
C ASP A 285 17.38 -5.14 -24.34
N LEU A 286 17.18 -3.97 -24.91
CA LEU A 286 15.90 -3.61 -25.48
C LEU A 286 15.61 -4.27 -26.84
N ARG A 287 16.59 -4.93 -27.44
CA ARG A 287 16.46 -5.44 -28.80
C ARG A 287 15.26 -6.37 -29.04
N LYS A 288 15.22 -7.48 -28.33
CA LYS A 288 14.17 -8.49 -28.45
C LYS A 288 12.78 -7.91 -28.15
N PRO A 289 12.60 -7.28 -26.97
CA PRO A 289 11.28 -6.73 -26.64
C PRO A 289 10.75 -5.82 -27.75
N LEU A 290 11.62 -4.95 -28.27
CA LEU A 290 11.25 -4.00 -29.32
C LEU A 290 10.98 -4.71 -30.65
N GLU A 291 11.79 -5.72 -30.98
CA GLU A 291 11.57 -6.58 -32.15
C GLU A 291 10.21 -7.29 -32.10
N ASN A 292 9.86 -7.82 -30.94
CA ASN A 292 8.56 -8.50 -30.75
C ASN A 292 7.37 -7.57 -31.00
N LEU A 293 7.60 -6.27 -30.86
CA LEU A 293 6.56 -5.27 -31.08
C LEU A 293 6.64 -4.65 -32.46
N GLY A 294 7.47 -5.23 -33.33
CA GLY A 294 7.48 -4.89 -34.75
C GLY A 294 8.62 -4.03 -35.22
N MET A 295 9.50 -3.65 -34.31
CA MET A 295 10.61 -2.77 -34.64
C MET A 295 11.85 -3.60 -34.92
N THR A 296 11.84 -4.30 -36.05
CA THR A 296 12.93 -5.20 -36.44
C THR A 296 14.02 -4.52 -37.27
N ASP A 297 13.63 -3.61 -38.15
CA ASP A 297 14.56 -3.01 -39.11
C ASP A 297 15.71 -2.23 -38.47
N MET A 298 15.39 -1.49 -37.40
CA MET A 298 16.35 -0.59 -36.77
C MET A 298 17.62 -1.32 -36.30
N PHE A 299 17.49 -2.63 -36.03
CA PHE A 299 18.63 -3.44 -35.57
C PHE A 299 19.34 -4.22 -36.68
N ARG A 300 18.84 -4.14 -37.90
CA ARG A 300 19.43 -4.87 -39.01
C ARG A 300 20.40 -4.00 -39.80
N GLN A 301 21.66 -4.44 -39.84
CA GLN A 301 22.77 -3.68 -40.45
C GLN A 301 22.46 -3.02 -41.79
N PHE A 302 21.92 -3.79 -42.74
CA PHE A 302 21.67 -3.22 -44.07
C PHE A 302 20.24 -2.73 -44.30
N GLN A 303 19.28 -3.37 -43.64
CA GLN A 303 17.88 -2.99 -43.72
C GLN A 303 17.55 -1.67 -43.00
N ALA A 304 18.28 -1.34 -41.93
CA ALA A 304 18.02 -0.12 -41.16
C ALA A 304 18.07 1.18 -41.99
N ASP A 305 17.16 2.09 -41.67
CA ASP A 305 17.12 3.38 -42.34
C ASP A 305 17.22 4.51 -41.31
N PHE A 306 18.42 5.07 -41.20
CA PHE A 306 18.65 6.24 -40.37
C PHE A 306 19.09 7.41 -41.21
N THR A 307 18.48 7.54 -42.39
CA THR A 307 18.84 8.55 -43.37
C THR A 307 18.44 9.97 -42.98
N SER A 308 17.60 10.11 -41.97
CA SER A 308 17.30 11.44 -41.44
C SER A 308 18.45 11.97 -40.60
N LEU A 309 19.28 11.06 -40.11
CA LEU A 309 20.45 11.39 -39.31
C LEU A 309 21.71 11.55 -40.20
N SER A 310 21.96 10.57 -41.05
CA SER A 310 23.13 10.57 -41.95
C SER A 310 22.81 9.70 -43.15
N ASP A 311 23.21 10.10 -44.35
CA ASP A 311 22.80 9.36 -45.55
C ASP A 311 23.89 8.51 -46.21
N GLN A 312 25.15 8.85 -45.99
CA GLN A 312 26.22 7.96 -46.41
C GLN A 312 26.43 6.99 -45.26
N GLU A 313 25.96 5.76 -45.47
CA GLU A 313 25.78 4.85 -44.39
C GLU A 313 25.34 3.46 -44.82
N PRO A 314 26.00 2.45 -44.27
CA PRO A 314 25.18 1.45 -43.59
C PRO A 314 25.15 1.93 -42.12
N LEU A 315 23.97 2.19 -41.58
CA LEU A 315 23.82 2.71 -40.21
C LEU A 315 22.67 2.01 -39.50
N HIS A 316 22.95 1.45 -38.33
CA HIS A 316 21.92 0.76 -37.54
C HIS A 316 22.20 0.83 -36.04
N VAL A 317 21.22 0.50 -35.22
CA VAL A 317 21.44 0.49 -33.76
C VAL A 317 22.17 -0.80 -33.38
N ALA A 318 23.39 -0.66 -32.89
CA ALA A 318 24.16 -1.84 -32.51
C ALA A 318 23.73 -2.30 -31.12
N LEU A 319 23.27 -1.35 -30.31
CA LEU A 319 23.05 -1.58 -28.89
C LEU A 319 22.01 -0.60 -28.34
N ALA A 320 21.02 -1.12 -27.64
CA ALA A 320 19.97 -0.31 -27.03
C ALA A 320 19.69 -0.85 -25.64
N LEU A 321 19.96 -0.04 -24.62
CA LEU A 321 19.92 -0.50 -23.24
C LEU A 321 19.12 0.42 -22.35
N GLN A 322 18.40 -0.17 -21.40
CA GLN A 322 17.84 0.58 -20.27
C GLN A 322 18.36 -0.03 -18.99
N LYS A 323 18.66 0.82 -18.02
CA LYS A 323 19.03 0.34 -16.70
C LYS A 323 18.29 1.12 -15.63
N VAL A 324 17.60 0.39 -14.75
CA VAL A 324 16.79 1.01 -13.70
C VAL A 324 17.14 0.45 -12.32
N LYS A 325 17.15 1.36 -11.35
CA LYS A 325 17.34 1.00 -9.96
C LYS A 325 16.25 1.67 -9.11
N ILE A 326 15.61 0.86 -8.26
CA ILE A 326 14.59 1.33 -7.34
C ILE A 326 14.88 0.83 -5.92
N GLU A 327 14.60 1.70 -4.94
CA GLU A 327 14.69 1.29 -3.56
C GLU A 327 13.35 1.52 -2.90
N VAL A 328 12.90 0.50 -2.16
CA VAL A 328 11.67 0.62 -1.39
C VAL A 328 12.00 0.27 0.05
N ASN A 329 11.89 1.26 0.92
CA ASN A 329 12.06 1.09 2.36
C ASN A 329 11.04 1.92 3.15
N GLU A 330 11.26 2.05 4.46
CA GLU A 330 10.27 2.61 5.38
C GLU A 330 10.11 4.12 5.29
N SER A 331 11.15 4.78 4.83
CA SER A 331 11.35 6.21 5.11
C SER A 331 10.32 7.16 4.48
N GLY A 332 9.98 8.21 5.22
CA GLY A 332 9.11 9.27 4.73
C GLY A 332 9.32 10.65 5.35
N THR A 333 10.24 11.43 4.79
CA THR A 333 10.34 12.87 5.10
C THR A 333 9.48 13.67 4.12
N VAL A 334 8.38 14.20 4.65
CA VAL A 334 7.22 14.57 3.83
C VAL A 334 7.12 16.03 3.41
N ALA A 335 7.22 16.27 2.10
CA ALA A 335 6.78 17.52 1.50
C ALA A 335 5.28 17.43 1.22
N SER A 336 4.53 17.16 2.28
CA SER A 336 3.08 17.02 2.27
C SER A 336 2.49 17.93 3.36
N SER A 337 1.54 18.80 2.97
CA SER A 337 1.01 19.84 3.87
C SER A 337 -0.27 19.47 4.64
N SER A 338 -1.10 18.58 4.07
CA SER A 338 -2.28 18.08 4.77
C SER A 338 -1.87 17.12 5.91
N THR A 339 -2.03 17.59 7.16
CA THR A 339 -1.50 16.95 8.38
C THR A 339 -1.29 15.43 8.30
N ALA A 340 -2.38 14.67 8.45
CA ALA A 340 -2.35 13.20 8.38
C ALA A 340 -3.72 12.57 8.64
N VAL A 341 -4.07 11.60 7.79
CA VAL A 341 -5.18 10.68 8.09
C VAL A 341 -4.62 9.45 8.81
N ILE A 342 -5.32 9.03 9.86
CA ILE A 342 -4.92 7.85 10.60
C ILE A 342 -6.11 6.89 10.76
N VAL A 343 -5.82 5.69 11.23
CA VAL A 343 -6.86 4.78 11.68
C VAL A 343 -6.95 4.94 13.20
N SER A 344 -8.03 5.58 13.64
CA SER A 344 -8.30 5.75 15.06
C SER A 344 -9.02 4.52 15.62
N ALA A 345 -9.80 3.85 14.78
CA ALA A 345 -10.61 2.71 15.19
C ALA A 345 -9.77 1.64 15.86
N ARG A 346 -10.26 1.11 16.97
CA ARG A 346 -9.46 0.16 17.76
C ARG A 346 -9.78 -1.33 17.54
N MET A 347 -10.55 -1.64 16.49
CA MET A 347 -10.71 -3.02 16.09
C MET A 347 -9.34 -3.60 15.67
N ALA A 348 -9.26 -4.91 15.57
CA ALA A 348 -8.14 -5.55 14.91
C ALA A 348 -8.31 -5.26 13.41
N PRO A 349 -7.36 -4.51 12.82
CA PRO A 349 -7.51 -4.15 11.41
C PRO A 349 -7.38 -5.35 10.48
N GLU A 350 -8.23 -5.40 9.46
CA GLU A 350 -8.10 -6.36 8.36
C GLU A 350 -6.72 -6.23 7.70
N GLU A 351 -6.09 -7.36 7.42
CA GLU A 351 -4.71 -7.40 6.99
C GLU A 351 -4.58 -7.74 5.52
N ILE A 352 -3.65 -7.08 4.84
CA ILE A 352 -3.23 -7.49 3.50
C ILE A 352 -1.74 -7.83 3.58
N ILE A 353 -1.42 -9.10 3.37
CA ILE A 353 -0.05 -9.57 3.53
C ILE A 353 0.49 -9.84 2.14
N ILE A 354 1.55 -9.11 1.76
CA ILE A 354 2.18 -9.35 0.47
C ILE A 354 3.41 -10.24 0.66
N ASP A 355 3.18 -11.55 0.65
CA ASP A 355 4.24 -12.54 0.92
C ASP A 355 4.37 -13.60 -0.20
N ARG A 356 4.17 -13.16 -1.43
CA ARG A 356 4.30 -13.98 -2.64
C ARG A 356 4.63 -12.99 -3.76
N PRO A 357 5.11 -13.48 -4.92
CA PRO A 357 5.51 -12.53 -5.94
C PRO A 357 4.42 -11.51 -6.28
N PHE A 358 4.81 -10.25 -6.35
CA PHE A 358 3.89 -9.16 -6.65
C PHE A 358 4.46 -8.21 -7.69
N LEU A 359 3.55 -7.51 -8.36
CA LEU A 359 3.98 -6.45 -9.22
C LEU A 359 3.76 -5.08 -8.58
N PHE A 360 4.55 -4.11 -9.03
CA PHE A 360 4.44 -2.74 -8.56
C PHE A 360 4.44 -1.76 -9.74
N VAL A 361 3.79 -0.62 -9.55
CA VAL A 361 3.75 0.40 -10.58
C VAL A 361 3.95 1.72 -9.87
N VAL A 362 4.89 2.52 -10.38
CA VAL A 362 5.05 3.88 -9.87
C VAL A 362 4.46 4.83 -10.90
N ARG A 363 3.47 5.62 -10.49
CA ARG A 363 2.89 6.59 -11.42
C ARG A 363 2.85 8.04 -10.93
N HIS A 364 2.91 8.94 -11.91
CA HIS A 364 2.75 10.36 -11.64
C HIS A 364 1.27 10.64 -11.79
N ASN A 365 0.62 10.97 -10.67
CA ASN A 365 -0.85 11.03 -10.64
C ASN A 365 -1.49 12.14 -11.48
N PRO A 366 -0.88 13.34 -11.52
CA PRO A 366 -1.51 14.41 -12.33
C PRO A 366 -1.55 14.14 -13.84
N THR A 367 -0.53 13.48 -14.38
CA THR A 367 -0.48 13.16 -15.81
C THR A 367 -0.88 11.73 -16.14
N GLY A 368 -0.91 10.85 -15.13
CA GLY A 368 -1.10 9.41 -15.37
C GLY A 368 0.11 8.66 -15.95
N THR A 369 1.28 9.29 -15.95
CA THR A 369 2.49 8.68 -16.50
C THR A 369 2.93 7.47 -15.66
N VAL A 370 3.16 6.34 -16.33
CA VAL A 370 3.75 5.18 -15.67
C VAL A 370 5.27 5.34 -15.75
N LEU A 371 5.86 5.79 -14.65
CA LEU A 371 7.31 6.00 -14.56
C LEU A 371 8.11 4.72 -14.38
N PHE A 372 7.59 3.80 -13.58
CA PHE A 372 8.24 2.53 -13.29
C PHE A 372 7.23 1.41 -13.14
N MET A 373 7.67 0.21 -13.49
CA MET A 373 6.99 -0.99 -13.07
C MET A 373 7.93 -2.17 -12.98
N GLY A 374 7.48 -3.20 -12.28
CA GLY A 374 8.28 -4.41 -12.12
C GLY A 374 7.59 -5.54 -11.41
N GLN A 375 8.26 -6.67 -11.38
CA GLN A 375 7.79 -7.83 -10.65
C GLN A 375 8.84 -8.20 -9.62
N VAL A 376 8.42 -8.31 -8.37
CA VAL A 376 9.29 -8.79 -7.30
C VAL A 376 9.01 -10.27 -7.09
N MET A 377 9.89 -11.10 -7.61
CA MET A 377 9.78 -12.56 -7.47
C MET A 377 10.44 -13.04 -6.17
N GLU A 378 11.42 -12.28 -5.69
CA GLU A 378 12.11 -12.57 -4.44
C GLU A 378 12.78 -11.31 -3.89
N PRO A 379 12.25 -10.74 -2.79
CA PRO A 379 12.71 -9.49 -2.18
C PRO A 379 14.20 -9.50 -1.81
N ILE B 1 -3.75 -4.22 24.70
CA ILE B 1 -3.56 -3.36 25.91
C ILE B 1 -2.10 -2.94 26.05
N ILE B 2 -1.88 -1.62 26.14
CA ILE B 2 -0.55 -1.08 26.45
C ILE B 2 -0.36 -1.07 27.96
N GLY B 3 0.73 -1.68 28.41
CA GLY B 3 1.04 -1.77 29.84
C GLY B 3 0.19 -2.84 30.50
N GLY B 4 -0.11 -2.62 31.77
CA GLY B 4 -0.92 -3.57 32.56
C GLY B 4 -0.31 -4.97 32.64
N GLU B 5 -1.17 -5.96 32.84
CA GLU B 5 -0.72 -7.30 33.18
C GLU B 5 -1.54 -8.36 32.46
N PHE B 6 -0.97 -9.56 32.35
CA PHE B 6 -1.75 -10.69 31.90
C PHE B 6 -2.79 -11.03 32.97
N THR B 7 -3.99 -11.38 32.52
CA THR B 7 -5.07 -11.72 33.43
C THR B 7 -5.71 -13.04 32.99
N THR B 8 -6.75 -13.47 33.71
CA THR B 8 -7.49 -14.67 33.34
C THR B 8 -8.96 -14.33 33.12
N ILE B 9 -9.67 -15.23 32.46
CA ILE B 9 -11.08 -15.01 32.19
C ILE B 9 -11.91 -14.97 33.49
N GLU B 10 -11.48 -15.72 34.51
CA GLU B 10 -12.14 -15.68 35.82
C GLU B 10 -12.10 -14.27 36.43
N ASN B 11 -11.06 -13.51 36.12
CA ASN B 11 -10.95 -12.12 36.56
C ASN B 11 -11.84 -11.17 35.75
N GLN B 12 -12.23 -11.60 34.55
CA GLN B 12 -13.07 -10.77 33.66
C GLN B 12 -14.18 -11.63 33.04
N PRO B 13 -15.05 -12.23 33.88
CA PRO B 13 -15.90 -13.31 33.37
C PRO B 13 -17.04 -12.89 32.45
N TRP B 14 -17.21 -11.57 32.25
CA TRP B 14 -18.15 -11.05 31.25
C TRP B 14 -17.52 -10.91 29.86
N PHE B 15 -16.20 -11.08 29.76
CA PHE B 15 -15.50 -10.78 28.51
C PHE B 15 -15.90 -11.72 27.36
N ALA B 16 -16.23 -11.13 26.20
CA ALA B 16 -16.55 -11.91 25.01
C ALA B 16 -15.47 -11.75 23.94
N ALA B 17 -15.08 -12.86 23.32
CA ALA B 17 -14.07 -12.83 22.27
C ALA B 17 -14.73 -13.07 20.91
N ILE B 18 -14.63 -12.08 20.03
CA ILE B 18 -15.38 -12.10 18.76
C ILE B 18 -14.47 -12.25 17.53
N TYR B 19 -14.76 -13.27 16.72
CA TYR B 19 -13.96 -13.65 15.58
C TYR B 19 -14.77 -13.59 14.28
N ARG B 20 -14.11 -13.33 13.17
CA ARG B 20 -14.75 -13.38 11.87
C ARG B 20 -14.15 -14.48 11.02
N ARG B 21 -15.02 -15.26 10.37
CA ARG B 21 -14.55 -16.20 9.36
C ARG B 21 -14.57 -15.60 7.95
N HIS B 22 -13.39 -15.54 7.35
CA HIS B 22 -13.19 -14.98 6.02
C HIS B 22 -13.74 -15.88 4.92
N ARG B 23 -13.78 -15.36 3.68
CA ARG B 23 -14.02 -16.21 2.52
C ARG B 23 -12.79 -17.10 2.33
N GLY B 24 -13.02 -18.40 2.17
CA GLY B 24 -11.92 -19.37 2.15
C GLY B 24 -11.72 -20.03 3.49
N GLY B 25 -12.51 -19.62 4.48
CA GLY B 25 -12.64 -20.36 5.74
C GLY B 25 -11.62 -20.11 6.85
N SER B 26 -10.70 -19.16 6.68
CA SER B 26 -9.80 -18.82 7.80
C SER B 26 -10.52 -17.91 8.80
N VAL B 27 -10.11 -17.99 10.07
CA VAL B 27 -10.80 -17.32 11.17
C VAL B 27 -9.86 -16.40 11.93
N THR B 28 -10.17 -15.11 11.98
CA THR B 28 -9.35 -14.15 12.72
C THR B 28 -10.15 -13.42 13.82
N TYR B 29 -9.42 -12.95 14.83
CA TYR B 29 -10.01 -12.20 15.93
C TYR B 29 -10.26 -10.77 15.48
N VAL B 30 -11.43 -10.26 15.83
CA VAL B 30 -11.83 -8.92 15.41
C VAL B 30 -11.92 -7.95 16.60
N CYS B 31 -12.64 -8.35 17.65
CA CYS B 31 -13.03 -7.41 18.71
C CYS B 31 -13.40 -8.11 20.01
N GLY B 32 -13.36 -7.33 21.09
CA GLY B 32 -13.90 -7.75 22.37
C GLY B 32 -15.38 -7.46 22.43
N GLY B 33 -15.97 -7.82 23.57
CA GLY B 33 -17.40 -7.63 23.84
C GLY B 33 -17.65 -7.88 25.32
N SER B 34 -18.88 -7.63 25.75
CA SER B 34 -19.25 -7.83 27.15
C SER B 34 -20.63 -8.44 27.26
N LEU B 35 -20.74 -9.52 28.04
CA LEU B 35 -22.01 -10.18 28.27
C LEU B 35 -22.86 -9.34 29.24
N ILE B 36 -24.04 -8.92 28.78
CA ILE B 36 -24.94 -8.09 29.61
C ILE B 36 -26.18 -8.84 30.10
N SER B 37 -26.56 -9.90 29.40
CA SER B 37 -27.68 -10.76 29.78
C SER B 37 -27.41 -12.13 29.16
N PRO B 38 -28.20 -13.17 29.49
CA PRO B 38 -27.83 -14.51 28.99
C PRO B 38 -27.62 -14.62 27.48
N CYS B 39 -28.41 -13.92 26.68
CA CYS B 39 -28.35 -14.07 25.22
C CYS B 39 -27.74 -12.85 24.52
N TRP B 40 -27.25 -11.87 25.28
CA TRP B 40 -26.79 -10.62 24.67
C TRP B 40 -25.37 -10.17 25.02
N VAL B 41 -24.58 -9.94 23.97
CA VAL B 41 -23.24 -9.37 24.08
C VAL B 41 -23.27 -7.97 23.49
N ILE B 42 -22.69 -7.02 24.21
CA ILE B 42 -22.59 -5.66 23.75
C ILE B 42 -21.15 -5.35 23.33
N SER B 43 -21.01 -4.61 22.24
CA SER B 43 -19.70 -4.35 21.62
C SER B 43 -19.77 -3.02 20.87
N ALA B 44 -18.88 -2.83 19.89
CA ALA B 44 -18.82 -1.60 19.10
C ALA B 44 -19.17 -1.84 17.64
N THR B 45 -19.99 -0.95 17.07
CA THR B 45 -20.44 -1.07 15.67
C THR B 45 -19.30 -1.12 14.64
N HIS B 46 -18.24 -0.34 14.84
CA HIS B 46 -17.21 -0.24 13.79
C HIS B 46 -16.51 -1.57 13.51
N CYS B 47 -16.53 -2.46 14.50
CA CYS B 47 -15.98 -3.81 14.39
C CYS B 47 -16.66 -4.61 13.28
N PHE B 48 -17.94 -4.32 13.02
CA PHE B 48 -18.77 -5.17 12.16
C PHE B 48 -19.27 -4.45 10.93
N ILE B 49 -19.16 -3.12 10.92
CA ILE B 49 -19.75 -2.29 9.87
C ILE B 49 -19.42 -2.74 8.42
N ASP B 50 -18.18 -3.17 8.18
CA ASP B 50 -17.75 -3.56 6.84
C ASP B 50 -18.10 -4.99 6.47
N TYR B 51 -18.44 -5.80 7.48
CA TYR B 51 -18.94 -7.15 7.27
C TYR B 51 -20.16 -7.39 8.16
N PRO B 52 -21.30 -6.74 7.85
CA PRO B 52 -22.47 -6.72 8.74
C PRO B 52 -23.30 -8.02 8.77
N LYS B 53 -22.82 -9.07 8.11
CA LYS B 53 -23.58 -10.32 7.99
C LYS B 53 -23.36 -11.24 9.20
N LYS B 54 -24.42 -11.48 9.97
CA LYS B 54 -24.35 -12.21 11.24
C LYS B 54 -23.70 -13.60 11.17
N GLU B 55 -23.72 -14.22 10.00
CA GLU B 55 -23.23 -15.59 9.81
C GLU B 55 -21.71 -15.70 9.83
N ASP B 56 -21.03 -14.59 9.58
CA ASP B 56 -19.57 -14.58 9.54
C ASP B 56 -18.89 -14.61 10.90
N TYR B 57 -19.64 -14.47 11.98
CA TYR B 57 -19.02 -14.30 13.29
C TYR B 57 -19.08 -15.48 14.24
N ILE B 58 -18.04 -15.60 15.06
CA ILE B 58 -17.99 -16.55 16.17
C ILE B 58 -17.74 -15.76 17.45
N VAL B 59 -18.53 -16.03 18.48
CA VAL B 59 -18.37 -15.40 19.79
C VAL B 59 -18.03 -16.47 20.80
N TYR B 60 -17.00 -16.21 21.59
CA TYR B 60 -16.65 -17.08 22.70
C TYR B 60 -16.90 -16.40 24.03
N LEU B 61 -17.39 -17.17 24.99
CA LEU B 61 -17.40 -16.77 26.39
C LEU B 61 -16.51 -17.75 27.15
N GLY B 62 -15.95 -17.30 28.28
CA GLY B 62 -15.05 -18.13 29.07
C GLY B 62 -13.73 -18.42 28.37
N ARG B 63 -13.34 -17.58 27.42
CA ARG B 63 -12.12 -17.75 26.65
C ARG B 63 -10.99 -16.92 27.25
N SER B 64 -9.90 -17.58 27.60
CA SER B 64 -8.77 -16.93 28.24
C SER B 64 -7.60 -16.74 27.26
N ARG B 65 -7.60 -17.52 26.18
CA ARG B 65 -6.51 -17.51 25.21
C ARG B 65 -6.99 -17.29 23.77
N LEU B 66 -6.16 -16.61 22.99
CA LEU B 66 -6.53 -16.14 21.65
C LEU B 66 -6.69 -17.25 20.62
N ASN B 67 -5.81 -18.24 20.68
CA ASN B 67 -5.70 -19.25 19.62
C ASN B 67 -5.66 -20.67 20.13
N SER B 68 -6.01 -20.86 21.40
CA SER B 68 -6.22 -22.19 21.95
C SER B 68 -7.46 -22.20 22.84
N ASN B 69 -7.95 -23.39 23.18
CA ASN B 69 -9.14 -23.56 24.00
C ASN B 69 -8.89 -23.33 25.48
N THR B 70 -9.92 -22.84 26.17
CA THR B 70 -9.92 -22.74 27.63
C THR B 70 -11.01 -23.68 28.13
N GLN B 71 -10.69 -24.47 29.16
CA GLN B 71 -11.68 -25.38 29.73
C GLN B 71 -12.82 -24.59 30.38
N GLY B 72 -14.05 -24.89 29.97
CA GLY B 72 -15.24 -24.20 30.47
C GLY B 72 -15.83 -23.20 29.48
N GLU B 73 -15.06 -22.85 28.44
CA GLU B 73 -15.51 -21.90 27.42
C GLU B 73 -16.68 -22.45 26.60
N MET B 74 -17.51 -21.54 26.10
CA MET B 74 -18.65 -21.88 25.26
C MET B 74 -18.53 -21.15 23.92
N LYS B 75 -18.86 -21.85 22.83
CA LYS B 75 -18.80 -21.29 21.48
C LYS B 75 -20.21 -20.91 21.01
N PHE B 76 -20.32 -19.73 20.40
CA PHE B 76 -21.63 -19.20 19.97
C PHE B 76 -21.64 -18.68 18.54
N GLU B 77 -22.76 -18.89 17.87
CA GLU B 77 -23.10 -18.23 16.61
C GLU B 77 -23.85 -16.95 16.94
N VAL B 78 -23.91 -16.03 16.00
CA VAL B 78 -24.67 -14.79 16.19
C VAL B 78 -26.02 -14.90 15.48
N GLU B 79 -27.07 -14.88 16.28
CA GLU B 79 -28.45 -15.02 15.85
C GLU B 79 -29.01 -13.69 15.35
N ASN B 80 -28.41 -12.59 15.81
CA ASN B 80 -28.84 -11.25 15.44
C ASN B 80 -27.73 -10.23 15.69
N LEU B 81 -27.34 -9.51 14.65
CA LEU B 81 -26.25 -8.53 14.75
C LEU B 81 -26.79 -7.12 14.57
N ILE B 82 -26.97 -6.41 15.67
CA ILE B 82 -27.57 -5.10 15.63
C ILE B 82 -26.50 -4.03 15.72
N LEU B 83 -26.40 -3.24 14.65
CA LEU B 83 -25.51 -2.10 14.61
C LEU B 83 -26.36 -0.86 14.75
N HIS B 84 -25.75 0.22 15.24
CA HIS B 84 -26.44 1.50 15.43
C HIS B 84 -26.57 2.22 14.09
N LYS B 85 -27.80 2.59 13.75
CA LYS B 85 -28.10 3.23 12.47
C LYS B 85 -27.52 4.64 12.35
N ASP B 86 -27.28 5.28 13.49
CA ASP B 86 -26.68 6.61 13.51
C ASP B 86 -25.15 6.56 13.67
N TYR B 87 -24.57 5.38 13.48
CA TYR B 87 -23.11 5.26 13.49
C TYR B 87 -22.53 5.99 12.29
N SER B 88 -21.47 6.75 12.54
CA SER B 88 -20.72 7.41 11.48
C SER B 88 -19.31 7.69 11.99
N ALA B 89 -18.39 7.95 11.06
CA ALA B 89 -17.02 8.30 11.40
C ALA B 89 -16.56 9.61 10.74
N ASP B 90 -16.08 10.54 11.58
CA ASP B 90 -15.44 11.78 11.12
C ASP B 90 -13.96 11.53 10.87
N THR B 91 -13.20 12.61 10.71
CA THR B 91 -11.74 12.55 10.53
C THR B 91 -11.09 11.62 11.56
N LEU B 92 -11.70 11.51 12.73
CA LEU B 92 -11.10 10.76 13.83
C LEU B 92 -12.18 10.02 14.63
N ALA B 93 -13.20 10.76 15.05
CA ALA B 93 -14.24 10.24 15.94
C ALA B 93 -15.13 9.16 15.32
N HIS B 94 -15.50 8.19 16.14
CA HIS B 94 -16.56 7.23 15.79
C HIS B 94 -17.78 7.54 16.67
N HIS B 95 -18.91 7.83 16.03
CA HIS B 95 -20.11 8.27 16.73
C HIS B 95 -21.08 7.11 16.86
N ASN B 96 -21.75 7.04 18.02
CA ASN B 96 -22.69 5.96 18.30
C ASN B 96 -22.06 4.59 18.02
N ASP B 97 -20.82 4.44 18.47
CA ASP B 97 -20.05 3.23 18.25
C ASP B 97 -20.46 2.17 19.28
N ILE B 98 -21.57 1.50 19.00
CA ILE B 98 -22.16 0.54 19.92
C ILE B 98 -22.96 -0.50 19.14
N ALA B 99 -22.80 -1.76 19.51
CA ALA B 99 -23.45 -2.86 18.81
C ALA B 99 -23.93 -3.95 19.76
N LEU B 100 -24.93 -4.69 19.30
CA LEU B 100 -25.47 -5.81 20.07
C LEU B 100 -25.43 -7.09 19.27
N LEU B 101 -25.02 -8.14 19.97
CA LEU B 101 -24.92 -9.46 19.38
C LEU B 101 -25.76 -10.44 20.19
N LYS B 102 -26.70 -11.11 19.53
CA LYS B 102 -27.49 -12.15 20.18
C LYS B 102 -26.82 -13.47 19.91
N ILE B 103 -26.56 -14.22 20.97
CA ILE B 103 -25.74 -15.42 20.86
C ILE B 103 -26.55 -16.70 21.07
N ARG B 104 -26.16 -17.73 20.32
CA ARG B 104 -26.81 -19.03 20.39
C ARG B 104 -25.80 -20.13 20.08
N SER B 105 -25.70 -21.12 20.97
CA SER B 105 -24.84 -22.29 20.75
C SER B 105 -25.46 -23.25 19.74
N LYS B 106 -24.71 -24.29 19.35
CA LYS B 106 -25.21 -25.30 18.42
C LYS B 106 -26.37 -26.12 19.00
N GLU B 107 -26.33 -26.32 20.31
CA GLU B 107 -27.41 -26.98 21.03
C GLU B 107 -28.58 -26.03 21.33
N GLY B 108 -28.48 -24.79 20.82
CA GLY B 108 -29.56 -23.82 20.89
C GLY B 108 -29.79 -23.13 22.23
N ARG B 109 -28.73 -22.99 23.02
CA ARG B 109 -28.86 -22.34 24.33
C ARG B 109 -28.08 -21.02 24.44
N CYS B 110 -28.48 -20.19 25.41
CA CYS B 110 -27.78 -18.95 25.71
C CYS B 110 -26.62 -19.21 26.68
N ALA B 111 -25.99 -18.15 27.17
CA ALA B 111 -24.89 -18.28 28.12
C ALA B 111 -25.32 -19.00 29.40
N GLN B 112 -24.48 -19.93 29.86
CA GLN B 112 -24.70 -20.66 31.10
C GLN B 112 -23.64 -20.23 32.11
N PRO B 113 -24.08 -19.71 33.27
CA PRO B 113 -23.17 -19.16 34.27
C PRO B 113 -22.19 -20.18 34.84
N SER B 114 -21.04 -19.68 35.28
CA SER B 114 -19.98 -20.47 35.89
C SER B 114 -18.94 -19.50 36.44
N ARG B 115 -17.92 -20.06 37.07
CA ARG B 115 -16.76 -19.32 37.54
C ARG B 115 -16.23 -18.36 36.44
N THR B 116 -16.37 -18.76 35.18
CA THR B 116 -15.74 -18.04 34.07
C THR B 116 -16.72 -17.33 33.11
N ILE B 117 -18.02 -17.38 33.42
CA ILE B 117 -19.05 -16.77 32.57
C ILE B 117 -20.08 -16.06 33.45
N GLN B 118 -20.00 -14.73 33.44
CA GLN B 118 -20.82 -13.88 34.30
C GLN B 118 -21.28 -12.70 33.46
N THR B 119 -22.40 -12.09 33.85
CA THR B 119 -22.81 -10.82 33.23
C THR B 119 -22.19 -9.65 34.00
N ILE B 120 -22.00 -8.54 33.30
CA ILE B 120 -21.57 -7.29 33.93
C ILE B 120 -22.83 -6.45 34.06
N ALA B 121 -22.87 -5.55 35.04
CA ALA B 121 -24.05 -4.68 35.12
C ALA B 121 -23.96 -3.43 34.24
N LEU B 122 -25.13 -2.97 33.81
CA LEU B 122 -25.26 -1.72 33.09
C LEU B 122 -25.45 -0.57 34.08
N PRO B 123 -24.92 0.61 33.74
CA PRO B 123 -25.16 1.79 34.56
C PRO B 123 -26.62 2.22 34.43
N SER B 124 -27.10 3.05 35.33
CA SER B 124 -28.42 3.65 35.13
C SER B 124 -28.26 4.91 34.27
N MET B 125 -29.36 5.35 33.66
CA MET B 125 -29.32 6.47 32.70
C MET B 125 -28.49 7.65 33.18
N TYR B 126 -27.54 8.07 32.35
CA TYR B 126 -26.66 9.22 32.60
C TYR B 126 -25.88 9.15 33.91
N ASN B 127 -25.73 7.95 34.46
CA ASN B 127 -24.98 7.78 35.69
C ASN B 127 -23.55 7.35 35.41
N ASP B 128 -22.60 8.20 35.81
CA ASP B 128 -21.18 8.00 35.58
C ASP B 128 -20.39 8.22 36.86
N PRO B 129 -19.24 7.54 37.02
CA PRO B 129 -18.35 7.88 38.13
C PRO B 129 -17.70 9.24 37.88
N GLN B 130 -17.23 9.90 38.95
CA GLN B 130 -16.56 11.20 38.83
C GLN B 130 -15.27 11.08 38.02
N PHE B 131 -14.89 12.18 37.36
CA PHE B 131 -13.59 12.23 36.68
C PHE B 131 -12.48 11.98 37.72
N GLY B 132 -11.42 11.29 37.30
CA GLY B 132 -10.36 10.88 38.21
C GLY B 132 -10.48 9.45 38.71
N THR B 133 -11.67 8.85 38.53
CA THR B 133 -11.93 7.47 38.96
C THR B 133 -11.05 6.46 38.22
N SER B 134 -10.49 5.51 38.97
CA SER B 134 -9.71 4.42 38.41
C SER B 134 -10.61 3.30 37.89
N CYS B 135 -10.51 3.03 36.60
CA CYS B 135 -11.29 2.00 35.94
C CYS B 135 -10.40 0.97 35.23
N GLU B 136 -10.97 -0.17 34.89
CA GLU B 136 -10.19 -1.27 34.34
C GLU B 136 -10.60 -1.58 32.90
N ILE B 137 -9.60 -1.81 32.04
CA ILE B 137 -9.85 -2.20 30.65
C ILE B 137 -9.20 -3.54 30.38
N THR B 138 -9.78 -4.31 29.47
CA THR B 138 -9.39 -5.67 29.22
C THR B 138 -9.52 -5.99 27.74
N GLY B 139 -8.59 -6.80 27.22
CA GLY B 139 -8.71 -7.29 25.85
C GLY B 139 -7.52 -8.09 25.38
N PHE B 140 -7.61 -8.56 24.15
CA PHE B 140 -6.54 -9.27 23.47
C PHE B 140 -5.78 -8.33 22.53
N GLY B 141 -5.91 -7.02 22.74
CA GLY B 141 -5.29 -6.05 21.86
C GLY B 141 -3.77 -6.03 21.92
N LYS B 142 -3.16 -5.31 20.98
CA LYS B 142 -1.72 -5.24 20.86
C LYS B 142 -1.07 -4.61 22.09
N GLU B 143 0.11 -5.10 22.42
CA GLU B 143 0.90 -4.62 23.55
C GLU B 143 1.65 -3.35 23.26
N GLN B 144 1.76 -3.00 21.99
CA GLN B 144 2.48 -1.86 21.53
C GLN B 144 1.89 -1.54 20.22
N SER B 145 1.66 -0.29 19.87
CA SER B 145 0.93 -0.04 18.64
C SER B 145 1.61 -0.45 17.34
N THR B 146 2.92 -0.67 17.42
CA THR B 146 3.71 -1.05 16.24
C THR B 146 3.86 -2.56 16.10
N ASP B 147 3.34 -3.32 17.07
CA ASP B 147 3.42 -4.78 17.03
C ASP B 147 2.59 -5.38 15.90
N TYR B 148 3.05 -6.51 15.37
CA TYR B 148 2.24 -7.30 14.45
C TYR B 148 1.44 -8.37 15.20
N LEU B 149 2.06 -8.97 16.22
CA LEU B 149 1.40 -10.04 16.96
C LEU B 149 0.42 -9.52 17.99
N TYR B 150 -0.58 -10.34 18.29
CA TYR B 150 -1.48 -10.11 19.41
C TYR B 150 -1.05 -11.07 20.52
N PRO B 151 -1.23 -10.65 21.80
CA PRO B 151 -0.88 -11.57 22.88
C PRO B 151 -1.81 -12.78 22.89
N GLU B 152 -1.24 -13.96 23.19
CA GLU B 152 -2.01 -15.19 23.30
C GLU B 152 -2.93 -15.18 24.51
N GLN B 153 -2.54 -14.41 25.53
CA GLN B 153 -3.27 -14.35 26.77
C GLN B 153 -3.91 -12.97 26.97
N LEU B 154 -5.11 -12.99 27.55
CA LEU B 154 -5.86 -11.81 27.91
C LEU B 154 -5.08 -10.85 28.83
N LYS B 155 -5.26 -9.55 28.60
CA LYS B 155 -4.59 -8.54 29.41
C LYS B 155 -5.56 -7.55 30.05
N MET B 156 -5.16 -6.96 31.16
CA MET B 156 -5.91 -5.87 31.76
C MET B 156 -4.99 -4.77 32.29
N THR B 157 -5.48 -3.54 32.29
CA THR B 157 -4.78 -2.42 32.90
C THR B 157 -5.75 -1.41 33.51
N VAL B 158 -5.21 -0.51 34.36
CA VAL B 158 -6.01 0.56 34.97
C VAL B 158 -5.80 1.90 34.24
N VAL B 159 -6.90 2.59 33.97
CA VAL B 159 -6.91 3.96 33.42
C VAL B 159 -7.83 4.87 34.24
N LYS B 160 -7.59 6.18 34.19
CA LYS B 160 -8.41 7.16 34.91
C LYS B 160 -9.35 7.91 33.98
N LEU B 161 -10.58 8.12 34.46
CA LEU B 161 -11.57 8.90 33.73
C LEU B 161 -11.13 10.35 33.63
N ILE B 162 -11.40 10.96 32.48
CA ILE B 162 -10.96 12.33 32.19
C ILE B 162 -12.14 13.14 31.71
N SER B 163 -12.28 14.36 32.23
CA SER B 163 -13.41 15.23 31.92
C SER B 163 -13.50 15.59 30.43
N HIS B 164 -14.72 15.91 29.99
CA HIS B 164 -14.98 16.36 28.63
C HIS B 164 -14.33 17.69 28.29
N ARG B 165 -14.22 18.57 29.29
CA ARG B 165 -13.56 19.86 29.11
C ARG B 165 -12.08 19.66 28.79
N GLU B 166 -11.43 18.77 29.54
CA GLU B 166 -10.02 18.44 29.30
C GLU B 166 -9.82 17.61 28.01
N CYS B 167 -10.77 16.72 27.70
CA CYS B 167 -10.68 15.91 26.48
C CYS B 167 -10.96 16.76 25.24
N GLN B 168 -11.85 17.74 25.38
CA GLN B 168 -12.21 18.64 24.28
C GLN B 168 -11.25 19.82 24.08
N GLN B 169 -10.15 19.83 24.84
CA GLN B 169 -9.11 20.82 24.63
C GLN B 169 -8.52 20.66 23.22
N PRO B 170 -8.03 21.77 22.62
CA PRO B 170 -7.53 21.74 21.24
C PRO B 170 -6.33 20.79 21.02
N HIS B 171 -5.40 20.74 21.97
CA HIS B 171 -4.24 19.84 21.86
C HIS B 171 -4.54 18.38 22.23
N TYR B 172 -5.76 18.14 22.74
CA TYR B 172 -6.25 16.79 22.96
C TYR B 172 -6.99 16.31 21.72
N TYR B 173 -8.28 16.61 21.62
CA TYR B 173 -9.10 16.12 20.52
C TYR B 173 -10.05 17.16 19.94
N GLY B 174 -10.12 18.32 20.59
CA GLY B 174 -11.03 19.37 20.17
C GLY B 174 -12.47 18.90 20.25
N SER B 175 -13.26 19.27 19.24
CA SER B 175 -14.68 18.92 19.21
C SER B 175 -14.95 17.51 18.66
N GLU B 176 -13.89 16.72 18.47
CA GLU B 176 -14.04 15.34 17.99
C GLU B 176 -14.69 14.41 19.03
N VAL B 177 -14.54 14.73 20.32
CA VAL B 177 -15.21 13.96 21.38
C VAL B 177 -16.53 14.62 21.83
N THR B 178 -17.61 13.86 21.77
CA THR B 178 -18.94 14.36 22.16
C THR B 178 -19.30 13.93 23.59
N THR B 179 -20.44 14.40 24.07
CA THR B 179 -20.95 14.01 25.38
C THR B 179 -21.45 12.55 25.39
N LYS B 180 -21.61 11.97 24.20
CA LYS B 180 -21.94 10.55 24.07
C LYS B 180 -20.69 9.64 24.12
N MET B 181 -19.52 10.25 24.33
CA MET B 181 -18.25 9.52 24.44
C MET B 181 -17.59 9.80 25.78
N LEU B 182 -16.59 8.99 26.13
CA LEU B 182 -15.87 9.13 27.38
C LEU B 182 -14.40 8.89 27.15
N CYS B 183 -13.56 9.73 27.75
CA CYS B 183 -12.12 9.61 27.63
C CYS B 183 -11.48 9.09 28.91
N ALA B 184 -10.50 8.21 28.75
CA ALA B 184 -9.74 7.65 29.86
C ALA B 184 -8.29 7.48 29.44
N ALA B 185 -7.37 7.70 30.37
CA ALA B 185 -5.94 7.56 30.12
C ALA B 185 -5.12 7.39 31.39
N ASP B 186 -3.85 7.07 31.22
CA ASP B 186 -2.86 7.04 32.29
C ASP B 186 -2.37 8.46 32.52
N PRO B 187 -2.21 8.86 33.80
CA PRO B 187 -1.61 10.17 34.09
C PRO B 187 -0.22 10.33 33.46
N GLN B 188 0.52 9.23 33.35
CA GLN B 188 1.85 9.22 32.74
C GLN B 188 1.85 8.64 31.31
N TRP B 189 0.65 8.48 30.74
CA TRP B 189 0.48 7.99 29.37
C TRP B 189 1.23 6.70 29.05
N LYS B 190 1.45 5.87 30.07
CA LYS B 190 2.14 4.59 29.91
C LYS B 190 1.17 3.41 29.70
N THR B 191 -0.13 3.69 29.66
CA THR B 191 -1.13 2.63 29.69
C THR B 191 -2.39 3.02 28.92
N ASP B 192 -2.90 2.09 28.11
CA ASP B 192 -4.03 2.36 27.21
C ASP B 192 -4.55 1.09 26.56
N SER B 193 -5.74 1.17 25.98
CA SER B 193 -6.19 0.17 25.05
C SER B 193 -5.56 0.46 23.67
N CYS B 194 -5.71 -0.49 22.74
CA CYS B 194 -5.05 -0.42 21.45
C CYS B 194 -5.84 -1.22 20.41
N GLN B 195 -5.29 -1.32 19.20
CA GLN B 195 -5.91 -2.11 18.12
C GLN B 195 -6.10 -3.56 18.56
N GLY B 196 -7.31 -4.08 18.34
CA GLY B 196 -7.71 -5.39 18.84
C GLY B 196 -8.50 -5.31 20.14
N ASP B 197 -8.49 -4.13 20.79
CA ASP B 197 -9.21 -3.96 22.06
C ASP B 197 -10.63 -3.43 21.92
N ALA B 198 -10.99 -2.93 20.72
CA ALA B 198 -12.33 -2.35 20.50
C ALA B 198 -13.46 -3.32 20.81
N GLY B 199 -14.57 -2.75 21.29
CA GLY B 199 -15.74 -3.52 21.68
C GLY B 199 -15.68 -3.99 23.11
N GLY B 200 -14.47 -4.05 23.66
CA GLY B 200 -14.26 -4.53 25.01
C GLY B 200 -14.66 -3.51 26.07
N PRO B 201 -14.62 -3.93 27.35
CA PRO B 201 -15.19 -3.17 28.47
C PRO B 201 -14.26 -2.18 29.17
N LEU B 202 -14.82 -1.03 29.52
CA LEU B 202 -14.24 -0.13 30.50
C LEU B 202 -15.08 -0.29 31.77
N VAL B 203 -14.48 -0.86 32.80
CA VAL B 203 -15.22 -1.30 33.98
C VAL B 203 -14.92 -0.43 35.18
N CYS B 204 -15.97 0.13 35.77
CA CYS B 204 -15.82 0.97 36.96
C CYS B 204 -16.74 0.50 38.07
N SER B 205 -16.34 0.80 39.31
CA SER B 205 -17.21 0.64 40.46
C SER B 205 -18.22 1.77 40.46
N LEU B 206 -19.50 1.42 40.49
CA LEU B 206 -20.56 2.42 40.51
C LEU B 206 -21.67 1.94 41.41
N GLN B 207 -21.85 2.68 42.51
CA GLN B 207 -22.84 2.36 43.54
C GLN B 207 -22.77 0.91 43.99
N GLY B 208 -21.55 0.47 44.32
CA GLY B 208 -21.29 -0.87 44.81
C GLY B 208 -21.43 -1.99 43.78
N ARG B 209 -21.44 -1.62 42.50
CA ARG B 209 -21.55 -2.62 41.44
C ARG B 209 -20.46 -2.51 40.39
N MET B 210 -19.97 -3.67 39.94
CA MET B 210 -19.08 -3.76 38.78
C MET B 210 -19.85 -3.37 37.54
N THR B 211 -19.50 -2.22 36.97
CA THR B 211 -20.35 -1.58 35.99
C THR B 211 -19.67 -1.35 34.64
N LEU B 212 -20.42 -1.63 33.57
CA LEU B 212 -19.95 -1.33 32.22
C LEU B 212 -20.12 0.15 31.92
N THR B 213 -19.05 0.91 32.15
CA THR B 213 -19.09 2.36 32.01
C THR B 213 -18.81 2.77 30.57
N GLY B 214 -17.86 2.11 29.93
CA GLY B 214 -17.53 2.40 28.54
C GLY B 214 -17.22 1.19 27.68
N ILE B 215 -17.25 1.41 26.37
CA ILE B 215 -16.86 0.40 25.39
C ILE B 215 -15.69 0.95 24.58
N VAL B 216 -14.57 0.23 24.55
CA VAL B 216 -13.39 0.65 23.77
C VAL B 216 -13.79 0.98 22.33
N SER B 217 -13.50 2.20 21.90
CA SER B 217 -13.88 2.65 20.56
C SER B 217 -12.67 3.07 19.72
N TRP B 218 -12.11 4.24 20.02
CA TRP B 218 -11.04 4.83 19.20
C TRP B 218 -10.07 5.65 20.02
N GLY B 219 -8.99 6.07 19.35
CA GLY B 219 -7.98 6.95 19.92
C GLY B 219 -6.96 7.30 18.84
N ARG B 220 -6.17 8.34 19.08
CA ARG B 220 -5.00 8.60 18.25
C ARG B 220 -3.76 7.90 18.83
N GLY B 221 -3.24 6.90 18.12
CA GLY B 221 -2.11 6.12 18.61
C GLY B 221 -2.45 5.48 19.94
N CYS B 222 -1.69 4.49 20.39
CA CYS B 222 -2.04 3.87 21.65
C CYS B 222 -1.06 4.38 22.70
N ALA B 223 -1.59 4.91 23.80
CA ALA B 223 -0.80 5.48 24.91
C ALA B 223 0.06 6.67 24.48
N LEU B 224 -0.60 7.64 23.83
CA LEU B 224 0.06 8.86 23.35
C LEU B 224 -0.29 10.08 24.18
N LYS B 225 0.74 10.84 24.55
CA LYS B 225 0.62 12.11 25.27
C LYS B 225 -0.54 12.94 24.71
N ASP B 226 -1.45 13.33 25.60
CA ASP B 226 -2.61 14.18 25.26
C ASP B 226 -3.59 13.56 24.27
N LYS B 227 -3.52 12.24 24.11
CA LYS B 227 -4.49 11.50 23.30
C LYS B 227 -5.08 10.32 24.09
N PRO B 228 -6.10 10.59 24.94
CA PRO B 228 -6.72 9.53 25.74
C PRO B 228 -7.42 8.47 24.88
N GLY B 229 -7.69 7.31 25.48
CA GLY B 229 -8.53 6.30 24.85
C GLY B 229 -9.91 6.90 24.82
N VAL B 230 -10.69 6.62 23.78
CA VAL B 230 -12.04 7.14 23.73
C VAL B 230 -13.03 5.98 23.71
N TYR B 231 -14.07 6.11 24.53
CA TYR B 231 -14.99 5.04 24.82
C TYR B 231 -16.43 5.50 24.58
N THR B 232 -17.26 4.62 24.03
CA THR B 232 -18.69 4.87 23.97
C THR B 232 -19.20 4.97 25.42
N ARG B 233 -19.84 6.09 25.74
CA ARG B 233 -20.37 6.34 27.07
C ARG B 233 -21.67 5.57 27.23
N VAL B 234 -21.61 4.43 27.92
CA VAL B 234 -22.75 3.50 27.97
C VAL B 234 -24.01 4.09 28.62
N SER B 235 -23.82 4.91 29.65
CA SER B 235 -24.96 5.50 30.37
C SER B 235 -25.82 6.44 29.53
N HIS B 236 -25.36 6.75 28.32
CA HIS B 236 -26.12 7.58 27.39
C HIS B 236 -26.82 6.76 26.31
N PHE B 237 -26.85 5.44 26.47
CA PHE B 237 -27.37 4.55 25.43
C PHE B 237 -28.39 3.52 25.90
N LEU B 238 -28.86 3.67 27.13
CA LEU B 238 -29.78 2.70 27.71
C LEU B 238 -31.13 2.52 27.01
N PRO B 239 -31.75 3.61 26.51
CA PRO B 239 -32.98 3.38 25.73
C PRO B 239 -32.72 2.56 24.46
N TRP B 240 -31.59 2.80 23.80
CA TRP B 240 -31.18 2.02 22.63
C TRP B 240 -30.97 0.53 22.97
N ILE B 241 -30.19 0.27 24.01
CA ILE B 241 -29.92 -1.10 24.48
C ILE B 241 -31.21 -1.81 24.85
N ARG B 242 -32.01 -1.17 25.69
CA ARG B 242 -33.23 -1.78 26.22
C ARG B 242 -34.26 -2.11 25.14
N SER B 243 -34.42 -1.24 24.14
CA SER B 243 -35.36 -1.51 23.06
C SER B 243 -34.85 -2.59 22.09
N HIS B 244 -33.55 -2.58 21.82
CA HIS B 244 -32.98 -3.56 20.90
C HIS B 244 -32.73 -4.94 21.51
N THR B 245 -32.68 -5.04 22.84
CA THR B 245 -32.58 -6.35 23.50
C THR B 245 -33.90 -7.11 23.58
N LYS B 246 -35.00 -6.45 23.22
CA LYS B 246 -36.28 -7.13 22.99
C LYS B 246 -36.24 -7.92 21.69
N GLU B 247 -35.51 -7.38 20.70
CA GLU B 247 -35.05 -8.14 19.52
C GLU B 247 -34.15 -7.32 18.60
#